data_3ZKX
#
_entry.id   3ZKX
#
_cell.length_a   63.367
_cell.length_b   153.829
_cell.length_c   247.178
_cell.angle_alpha   90.00
_cell.angle_beta   90.00
_cell.angle_gamma   90.00
#
_symmetry.space_group_name_H-M   'I 2 2 2'
#
loop_
_entity.id
_entity.type
_entity.pdbx_description
1 polymer 'BETA-SECRETASE 2'
2 polymer XA4813
3 polymer XA4815
4 non-polymer 'CHLORIDE ION'
5 non-polymer 'DIMETHYL SULFOXIDE'
6 water water
#
loop_
_entity_poly.entity_id
_entity_poly.type
_entity_poly.pdbx_seq_one_letter_code
_entity_poly.pdbx_strand_id
1 'polypeptide(L)'
;ANFLAMVDNLQGDSGRGYYLEMLIGTPPQKLQILVDTGSSNFAVAGTPHSYIDTYFDTERSSTYRSKGFDVTVKYTQGSW
TGFVGEDLVTIPKGFNTSFLVNIATIFESENFFLPGIKWNGILGLAYATLAKPSSSLETFFDSLVTQANIPNVFSMQMCG
AGLPVAGSGTNGGSLVLGGIEPSLYKGDIWYTPIKEEWYYQIEILKLEIGGQSLNLDCREYNADKAIVDSGTTLLRLPQK
VFDAVVEAVARASLIPAFSDGFWTGSQLACWTNSETPWSYFPKISIYLRDENSSRSFRITILPQLYIQPMMGAGLNYECY
RFGISPSTNALVIGATVMEGFYVIFDRAQKRVGFAASPCAEIAGAAVSEISGPFSTEDVASNCVPA
;
A
2 'polypeptide(L)'
;QVQLQESGGGLVQPGGSLRLSCAASGFTFSSAIMTWVRQAPGKGREWVSTIGSDGSITTYADSVKGRFTISRDNARNTLY
LQMNSLKPEDTAVYYCTSAGRRGPGTQVTVSSHHHHHHEPEA
;
B
3 'polypeptide(L)'
;QVQLQESGGGLVQAGGSLRLSCAASGFTFSRAAMRWVRRAPERGLEWVANINAGDGSASYADFVKGRFTASRDKAGNRLY
LQMDNLRPNDTAVYYCIYNGHRGQGTQVTVSSHHHHHHEPEA
;
C
#
# COMPACT_ATOMS: atom_id res chain seq x y z
N LEU A 4 8.40 -19.23 10.94
CA LEU A 4 7.20 -19.93 11.42
C LEU A 4 6.52 -19.17 12.56
N ALA A 5 7.33 -18.42 13.34
CA ALA A 5 6.88 -17.55 14.43
C ALA A 5 6.15 -16.34 13.80
N MET A 6 6.60 -15.93 12.59
CA MET A 6 6.07 -14.82 11.80
C MET A 6 4.93 -15.25 10.86
N VAL A 7 4.47 -16.51 10.92
CA VAL A 7 3.36 -16.92 10.07
C VAL A 7 2.05 -16.40 10.71
N ASP A 8 1.24 -15.68 9.91
CA ASP A 8 -0.03 -15.03 10.25
C ASP A 8 0.16 -13.89 11.31
N ASN A 9 1.18 -13.05 11.11
CA ASN A 9 1.48 -11.92 11.98
C ASN A 9 0.91 -10.59 11.40
N LEU A 10 0.27 -10.63 10.21
CA LEU A 10 -0.37 -9.47 9.60
C LEU A 10 -1.89 -9.57 9.74
N GLN A 11 -2.58 -8.41 9.71
CA GLN A 11 -4.04 -8.31 9.69
C GLN A 11 -4.42 -7.30 8.63
N GLY A 12 -5.63 -7.40 8.09
CA GLY A 12 -6.13 -6.48 7.08
C GLY A 12 -6.30 -7.07 5.70
N ASP A 13 -6.36 -6.19 4.70
CA ASP A 13 -6.55 -6.52 3.28
C ASP A 13 -6.03 -5.37 2.43
N SER A 14 -6.00 -5.51 1.09
CA SER A 14 -5.53 -4.47 0.16
C SER A 14 -6.19 -3.12 0.37
N GLY A 15 -7.49 -3.15 0.69
CA GLY A 15 -8.30 -1.96 0.94
C GLY A 15 -7.92 -1.13 2.14
N ARG A 16 -7.92 -1.75 3.34
CA ARG A 16 -7.61 -1.08 4.62
C ARG A 16 -6.11 -1.21 5.04
N GLY A 17 -5.34 -1.91 4.24
CA GLY A 17 -3.90 -2.12 4.46
C GLY A 17 -3.58 -3.30 5.35
N TYR A 18 -2.39 -3.87 5.17
CA TYR A 18 -1.85 -4.99 5.96
C TYR A 18 -0.98 -4.42 7.06
N TYR A 19 -1.24 -4.83 8.31
CA TYR A 19 -0.53 -4.25 9.44
C TYR A 19 -0.02 -5.27 10.44
N LEU A 20 1.14 -4.93 11.02
CA LEU A 20 1.91 -5.68 12.01
C LEU A 20 1.75 -5.04 13.40
N GLU A 21 1.65 -5.87 14.45
CA GLU A 21 1.60 -5.43 15.85
C GLU A 21 3.05 -5.20 16.34
N MET A 22 3.28 -4.02 16.94
CA MET A 22 4.60 -3.64 17.45
C MET A 22 4.47 -3.07 18.85
N LEU A 23 5.48 -3.35 19.71
CA LEU A 23 5.56 -2.87 21.08
C LEU A 23 6.65 -1.78 21.13
N ILE A 24 6.28 -0.52 21.43
CA ILE A 24 7.19 0.62 21.42
C ILE A 24 7.37 1.22 22.80
N GLY A 25 8.63 1.46 23.16
CA GLY A 25 8.98 2.11 24.41
C GLY A 25 9.03 1.25 25.65
N THR A 26 9.25 1.94 26.80
CA THR A 26 9.41 1.37 28.14
C THR A 26 8.55 2.10 29.19
N PRO A 27 7.55 1.45 29.80
CA PRO A 27 7.01 0.10 29.50
C PRO A 27 6.38 0.06 28.09
N PRO A 28 6.32 -1.12 27.43
CA PRO A 28 5.79 -1.17 26.04
C PRO A 28 4.34 -0.72 25.82
N GLN A 29 4.15 0.03 24.73
CA GLN A 29 2.87 0.51 24.20
C GLN A 29 2.69 -0.23 22.86
N LYS A 30 1.53 -0.89 22.67
CA LYS A 30 1.19 -1.69 21.50
C LYS A 30 0.59 -0.83 20.41
N LEU A 31 1.08 -0.97 19.17
CA LEU A 31 0.53 -0.20 18.04
C LEU A 31 0.31 -1.11 16.84
N GLN A 32 -0.55 -0.69 15.90
CA GLN A 32 -0.86 -1.41 14.66
C GLN A 32 -0.18 -0.64 13.52
N ILE A 33 0.82 -1.26 12.91
CA ILE A 33 1.65 -0.59 11.90
C ILE A 33 1.46 -1.12 10.48
N LEU A 34 1.10 -0.22 9.54
CA LEU A 34 0.97 -0.53 8.12
C LEU A 34 2.35 -0.90 7.51
N VAL A 35 2.40 -2.01 6.78
CA VAL A 35 3.58 -2.50 6.09
C VAL A 35 3.61 -1.83 4.70
N ASP A 36 4.60 -0.93 4.47
CA ASP A 36 4.71 -0.18 3.21
C ASP A 36 6.06 -0.35 2.52
N THR A 37 6.09 -1.09 1.39
CA THR A 37 7.32 -1.30 0.63
C THR A 37 7.56 -0.13 -0.36
N GLY A 38 6.71 0.90 -0.30
CA GLY A 38 6.79 2.07 -1.16
C GLY A 38 7.43 3.30 -0.53
N SER A 39 7.74 3.25 0.78
CA SER A 39 8.41 4.35 1.50
C SER A 39 9.52 3.79 2.44
N SER A 40 10.31 4.68 3.13
CA SER A 40 11.41 4.23 3.99
C SER A 40 11.45 4.81 5.42
N ASN A 41 10.36 5.45 5.86
CA ASN A 41 10.27 6.03 7.21
C ASN A 41 9.34 5.21 8.12
N PHE A 42 9.75 5.02 9.37
CA PHE A 42 8.96 4.40 10.44
C PHE A 42 8.38 5.57 11.24
N ALA A 43 7.05 5.69 11.24
CA ALA A 43 6.34 6.79 11.88
C ALA A 43 5.10 6.30 12.60
N VAL A 44 4.76 6.92 13.73
CA VAL A 44 3.58 6.57 14.52
C VAL A 44 2.81 7.83 14.88
N ALA A 45 1.49 7.69 15.08
CA ALA A 45 0.66 8.79 15.58
C ALA A 45 1.18 9.09 17.00
N GLY A 46 1.42 10.37 17.30
CA GLY A 46 1.92 10.83 18.58
C GLY A 46 0.99 11.70 19.40
N THR A 47 -0.18 12.02 18.83
CA THR A 47 -1.25 12.84 19.43
C THR A 47 -2.60 12.21 19.03
N PRO A 48 -3.74 12.51 19.73
CA PRO A 48 -5.03 11.91 19.31
C PRO A 48 -5.52 12.35 17.93
N HIS A 49 -6.28 11.49 17.26
CA HIS A 49 -6.85 11.78 15.95
C HIS A 49 -8.21 11.10 15.82
N SER A 50 -9.11 11.75 15.07
CA SER A 50 -10.47 11.33 14.83
C SER A 50 -10.61 9.93 14.24
N TYR A 51 -9.67 9.50 13.37
CA TYR A 51 -9.79 8.18 12.75
C TYR A 51 -8.72 7.15 13.23
N ILE A 52 -8.34 7.22 14.53
CA ILE A 52 -7.42 6.30 15.22
C ILE A 52 -7.80 6.18 16.70
N ASP A 53 -7.82 4.93 17.22
CA ASP A 53 -8.21 4.62 18.60
C ASP A 53 -7.03 4.60 19.59
N THR A 54 -5.78 4.60 19.08
CA THR A 54 -4.55 4.56 19.88
C THR A 54 -3.43 5.37 19.21
N TYR A 55 -2.53 5.91 20.04
CA TYR A 55 -1.35 6.65 19.62
C TYR A 55 -0.19 6.37 20.58
N PHE A 56 1.05 6.66 20.12
CA PHE A 56 2.23 6.51 20.95
C PHE A 56 2.45 7.79 21.78
N ASP A 57 2.47 7.64 23.11
CA ASP A 57 2.68 8.74 24.05
C ASP A 57 4.13 8.68 24.49
N THR A 58 4.96 9.61 23.97
CA THR A 58 6.40 9.70 24.28
C THR A 58 6.67 10.03 25.75
N GLU A 59 5.72 10.69 26.45
CA GLU A 59 5.81 11.08 27.87
C GLU A 59 5.78 9.85 28.78
N ARG A 60 5.11 8.78 28.34
CA ARG A 60 4.98 7.51 29.07
C ARG A 60 6.18 6.54 28.85
N SER A 61 7.16 6.90 27.97
CA SER A 61 8.35 6.08 27.69
C SER A 61 9.61 6.61 28.36
N SER A 62 10.24 5.77 29.21
CA SER A 62 11.46 6.10 29.93
C SER A 62 12.74 6.01 29.08
N THR A 63 12.64 5.39 27.87
CA THR A 63 13.77 5.19 26.94
C THR A 63 13.72 6.12 25.71
N TYR A 64 12.61 6.87 25.54
CA TYR A 64 12.40 7.79 24.43
C TYR A 64 13.37 8.98 24.45
N ARG A 65 14.02 9.25 23.31
CA ARG A 65 14.93 10.37 23.16
C ARG A 65 14.58 11.15 21.88
N SER A 66 14.59 12.47 21.97
CA SER A 66 14.33 13.38 20.84
C SER A 66 15.65 13.79 20.13
N LYS A 67 15.59 13.87 18.80
CA LYS A 67 16.73 14.29 17.98
C LYS A 67 16.73 15.82 17.85
N GLY A 68 15.62 16.45 18.21
CA GLY A 68 15.47 17.90 18.22
C GLY A 68 15.10 18.53 16.88
N PHE A 69 14.50 17.74 15.95
CA PHE A 69 14.10 18.25 14.63
C PHE A 69 12.87 17.56 14.08
N ASP A 70 12.19 18.22 13.12
CA ASP A 70 10.99 17.73 12.44
C ASP A 70 11.30 17.12 11.11
N VAL A 71 10.25 16.50 10.51
CA VAL A 71 10.24 15.89 9.19
C VAL A 71 8.79 15.87 8.68
N THR A 72 8.61 16.16 7.38
CA THR A 72 7.37 16.11 6.61
C THR A 72 7.58 15.03 5.54
N VAL A 73 6.66 14.06 5.47
CA VAL A 73 6.73 13.02 4.46
C VAL A 73 5.43 13.04 3.67
N LYS A 74 5.55 13.16 2.34
CA LYS A 74 4.45 13.20 1.38
C LYS A 74 4.36 11.89 0.60
N TYR A 75 3.15 11.34 0.49
CA TYR A 75 2.88 10.11 -0.26
C TYR A 75 2.02 10.48 -1.50
N THR A 76 1.51 9.47 -2.25
CA THR A 76 0.66 9.71 -3.42
C THR A 76 -0.66 10.26 -2.91
N GLN A 77 -1.22 9.59 -1.89
CA GLN A 77 -2.42 10.00 -1.17
C GLN A 77 -2.03 10.17 0.32
N GLY A 78 -1.97 11.43 0.74
CA GLY A 78 -1.62 11.77 2.12
C GLY A 78 -0.25 12.34 2.38
N SER A 79 -0.10 12.97 3.57
CA SER A 79 1.13 13.57 4.12
C SER A 79 1.05 13.75 5.67
N TRP A 80 2.21 13.80 6.33
CA TRP A 80 2.33 13.97 7.79
C TRP A 80 3.60 14.72 8.18
N THR A 81 3.56 15.40 9.32
CA THR A 81 4.69 16.11 9.91
C THR A 81 4.90 15.59 11.33
N GLY A 82 6.14 15.21 11.64
CA GLY A 82 6.45 14.67 12.96
C GLY A 82 7.83 15.00 13.49
N PHE A 83 8.00 14.76 14.79
CA PHE A 83 9.28 14.94 15.47
C PHE A 83 10.04 13.64 15.29
N VAL A 84 11.33 13.74 14.98
CA VAL A 84 12.18 12.57 14.83
C VAL A 84 12.83 12.31 16.20
N GLY A 85 12.67 11.07 16.67
CA GLY A 85 13.28 10.60 17.91
C GLY A 85 13.84 9.19 17.75
N GLU A 86 14.15 8.56 18.89
CA GLU A 86 14.69 7.20 18.95
C GLU A 86 14.05 6.49 20.11
N ASP A 87 13.77 5.19 19.96
CA ASP A 87 13.24 4.38 21.06
C ASP A 87 13.41 2.89 20.78
N LEU A 88 13.19 2.07 21.82
CA LEU A 88 13.27 0.62 21.75
C LEU A 88 11.95 0.04 21.25
N VAL A 89 12.06 -0.95 20.34
CA VAL A 89 10.93 -1.61 19.69
C VAL A 89 11.11 -3.13 19.75
N THR A 90 10.02 -3.88 19.98
CA THR A 90 10.01 -5.34 19.93
C THR A 90 8.89 -5.76 18.97
N ILE A 91 9.13 -6.82 18.19
CA ILE A 91 8.12 -7.39 17.30
C ILE A 91 7.71 -8.67 18.00
N PRO A 92 6.54 -8.65 18.71
CA PRO A 92 6.14 -9.84 19.51
C PRO A 92 6.14 -11.15 18.72
N LYS A 93 5.43 -11.16 17.58
CA LYS A 93 5.31 -12.30 16.66
C LYS A 93 6.52 -12.39 15.71
N GLY A 94 7.60 -13.01 16.20
CA GLY A 94 8.83 -13.22 15.45
C GLY A 94 10.14 -13.12 16.22
N PHE A 95 10.37 -11.99 16.91
CA PHE A 95 11.60 -11.72 17.66
C PHE A 95 11.36 -11.68 19.17
N ASN A 96 12.38 -12.07 19.95
CA ASN A 96 12.28 -12.07 21.42
C ASN A 96 13.45 -11.27 22.05
N THR A 97 13.61 -10.02 21.55
CA THR A 97 14.63 -9.02 21.90
C THR A 97 14.18 -7.63 21.38
N SER A 98 14.67 -6.54 22.01
CA SER A 98 14.33 -5.16 21.63
C SER A 98 15.38 -4.56 20.70
N PHE A 99 15.05 -3.51 19.93
CA PHE A 99 15.97 -2.89 18.98
C PHE A 99 15.89 -1.38 19.09
N LEU A 100 17.03 -0.70 19.00
CA LEU A 100 17.05 0.76 19.06
C LEU A 100 16.91 1.30 17.64
N VAL A 101 15.73 1.88 17.33
CA VAL A 101 15.42 2.40 16.00
C VAL A 101 15.05 3.90 16.02
N ASN A 102 15.12 4.54 14.83
CA ASN A 102 14.66 5.92 14.63
C ASN A 102 13.14 5.87 14.52
N ILE A 103 12.44 6.82 15.15
CA ILE A 103 10.98 6.83 15.10
C ILE A 103 10.46 8.27 14.96
N ALA A 104 9.53 8.51 14.02
CA ALA A 104 8.94 9.83 13.87
C ALA A 104 7.58 9.80 14.53
N THR A 105 7.27 10.81 15.36
CA THR A 105 5.98 10.90 16.03
C THR A 105 5.13 12.01 15.38
N ILE A 106 4.07 11.59 14.68
CA ILE A 106 3.15 12.45 13.93
C ILE A 106 2.32 13.31 14.88
N PHE A 107 2.29 14.63 14.62
CA PHE A 107 1.53 15.64 15.38
C PHE A 107 0.60 16.43 14.44
N GLU A 108 0.65 16.14 13.13
CA GLU A 108 -0.10 16.83 12.06
C GLU A 108 -0.10 15.95 10.77
N SER A 109 -1.28 15.71 10.20
CA SER A 109 -1.44 14.92 8.97
C SER A 109 -2.56 15.45 8.07
N GLU A 110 -2.44 15.19 6.76
CA GLU A 110 -3.42 15.59 5.75
C GLU A 110 -3.71 14.38 4.88
N ASN A 111 -4.92 13.80 5.05
CA ASN A 111 -5.42 12.63 4.30
C ASN A 111 -4.54 11.39 4.43
N PHE A 112 -4.00 11.16 5.65
CA PHE A 112 -3.15 10.02 5.97
C PHE A 112 -3.93 8.94 6.74
N PHE A 113 -4.51 9.34 7.89
CA PHE A 113 -5.32 8.47 8.74
C PHE A 113 -6.80 8.63 8.33
N LEU A 114 -7.27 7.75 7.44
CA LEU A 114 -8.63 7.77 6.87
C LEU A 114 -9.67 6.99 7.70
N PRO A 115 -11.00 7.34 7.66
CA PRO A 115 -11.98 6.59 8.48
C PRO A 115 -12.11 5.10 8.08
N GLY A 116 -12.20 4.26 9.10
CA GLY A 116 -12.27 2.79 8.95
C GLY A 116 -10.96 2.03 9.15
N ILE A 117 -9.78 2.67 8.84
CA ILE A 117 -8.44 2.04 8.97
C ILE A 117 -8.16 1.58 10.42
N LYS A 118 -7.50 0.41 10.56
CA LYS A 118 -7.20 -0.17 11.88
C LYS A 118 -5.75 0.08 12.36
N TRP A 119 -4.91 0.67 11.50
CA TRP A 119 -3.51 1.00 11.80
C TRP A 119 -3.35 2.46 12.23
N ASN A 120 -2.31 2.74 13.07
CA ASN A 120 -2.00 4.06 13.66
C ASN A 120 -0.53 4.49 13.48
N GLY A 121 0.15 3.81 12.57
CA GLY A 121 1.54 4.01 12.22
C GLY A 121 1.90 3.37 10.88
N ILE A 122 3.08 3.69 10.36
CA ILE A 122 3.59 3.21 9.08
C ILE A 122 5.04 2.70 9.20
N LEU A 123 5.34 1.57 8.53
CA LEU A 123 6.65 0.90 8.47
C LEU A 123 7.15 0.91 7.02
N GLY A 124 8.00 1.86 6.70
CA GLY A 124 8.61 1.95 5.37
C GLY A 124 9.71 0.92 5.22
N LEU A 125 9.50 -0.07 4.34
CA LEU A 125 10.44 -1.16 4.13
C LEU A 125 11.33 -1.02 2.90
N ALA A 126 11.25 0.13 2.18
CA ALA A 126 12.11 0.38 1.01
C ALA A 126 13.54 0.84 1.43
N TYR A 127 14.40 1.23 0.47
CA TYR A 127 15.81 1.57 0.67
C TYR A 127 16.11 2.91 1.34
N ALA A 128 17.37 3.09 1.85
CA ALA A 128 17.90 4.30 2.51
C ALA A 128 17.73 5.57 1.69
N THR A 129 17.82 5.47 0.35
CA THR A 129 17.64 6.55 -0.64
C THR A 129 16.32 7.33 -0.41
N LEU A 130 15.24 6.64 -0.03
CA LEU A 130 13.94 7.29 0.18
C LEU A 130 13.70 7.85 1.59
N ALA A 131 14.63 7.59 2.54
CA ALA A 131 14.45 8.06 3.93
C ALA A 131 14.49 9.58 3.98
N LYS A 132 13.55 10.17 4.74
CA LYS A 132 13.43 11.62 4.94
C LYS A 132 13.81 11.92 6.41
N PRO A 133 14.54 13.01 6.74
CA PRO A 133 15.02 14.12 5.89
C PRO A 133 16.10 13.72 4.90
N SER A 134 16.91 12.67 5.21
CA SER A 134 17.96 12.17 4.32
C SER A 134 18.21 10.67 4.46
N SER A 135 19.04 10.12 3.54
CA SER A 135 19.48 8.72 3.48
C SER A 135 20.28 8.27 4.72
N SER A 136 20.90 9.24 5.42
CA SER A 136 21.67 9.02 6.65
C SER A 136 20.80 8.73 7.91
N LEU A 137 19.47 8.84 7.77
CA LEU A 137 18.51 8.49 8.83
C LEU A 137 18.21 7.01 8.69
N GLU A 138 18.88 6.17 9.51
CA GLU A 138 18.78 4.71 9.51
C GLU A 138 17.33 4.20 9.50
N THR A 139 17.01 3.39 8.47
CA THR A 139 15.69 2.78 8.23
C THR A 139 15.47 1.62 9.21
N PHE A 140 14.22 1.24 9.43
CA PHE A 140 13.88 0.19 10.38
C PHE A 140 14.56 -1.14 10.04
N PHE A 141 14.46 -1.58 8.76
CA PHE A 141 15.00 -2.84 8.29
C PHE A 141 16.52 -2.88 8.35
N ASP A 142 17.18 -1.73 8.10
CA ASP A 142 18.65 -1.63 8.26
C ASP A 142 19.04 -1.81 9.71
N SER A 143 18.24 -1.29 10.69
CA SER A 143 18.47 -1.50 12.11
C SER A 143 18.28 -2.97 12.51
N LEU A 144 17.22 -3.60 12.02
CA LEU A 144 16.84 -5.00 12.27
C LEU A 144 17.86 -6.02 11.74
N VAL A 145 18.37 -5.80 10.51
CA VAL A 145 19.36 -6.70 9.88
C VAL A 145 20.65 -6.70 10.70
N THR A 146 21.10 -5.51 11.09
CA THR A 146 22.31 -5.29 11.86
C THR A 146 22.18 -5.86 13.27
N GLN A 147 21.07 -5.56 14.00
CA GLN A 147 20.87 -5.92 15.41
C GLN A 147 20.31 -7.33 15.67
N ALA A 148 19.51 -7.88 14.74
CA ALA A 148 18.89 -9.20 14.91
C ALA A 148 19.67 -10.35 14.24
N ASN A 149 20.75 -10.05 13.50
CA ASN A 149 21.60 -11.03 12.81
C ASN A 149 20.85 -11.86 11.76
N ILE A 150 19.99 -11.18 11.01
CA ILE A 150 19.19 -11.82 9.99
C ILE A 150 19.72 -11.53 8.60
N PRO A 151 19.48 -12.44 7.62
CA PRO A 151 19.81 -12.12 6.21
C PRO A 151 19.01 -10.88 5.73
N ASN A 152 19.59 -10.11 4.81
CA ASN A 152 18.97 -8.91 4.25
C ASN A 152 17.83 -9.30 3.24
N VAL A 153 16.81 -10.02 3.76
CA VAL A 153 15.67 -10.50 2.97
C VAL A 153 14.40 -10.40 3.81
N PHE A 154 13.26 -10.14 3.18
CA PHE A 154 11.95 -10.20 3.83
C PHE A 154 10.94 -10.67 2.79
N SER A 155 9.86 -11.29 3.23
CA SER A 155 8.83 -11.79 2.32
C SER A 155 7.42 -11.54 2.84
N MET A 156 6.48 -11.33 1.91
CA MET A 156 5.08 -11.07 2.23
C MET A 156 4.12 -12.05 1.60
N GLN A 157 3.17 -12.55 2.40
CA GLN A 157 2.07 -13.41 1.94
C GLN A 157 0.76 -12.74 2.32
N MET A 158 0.14 -12.02 1.39
CA MET A 158 -1.13 -11.34 1.62
C MET A 158 -2.30 -12.31 1.37
N CYS A 159 -3.16 -12.55 2.36
CA CYS A 159 -4.29 -13.51 2.25
C CYS A 159 -5.70 -12.89 2.34
N GLY A 160 -5.85 -11.58 2.10
CA GLY A 160 -7.15 -10.93 2.26
C GLY A 160 -8.03 -10.64 1.08
N ALA A 161 -7.79 -11.33 -0.08
CA ALA A 161 -8.58 -11.16 -1.31
C ALA A 161 -10.04 -11.58 -1.14
N GLY A 162 -10.95 -10.72 -1.61
CA GLY A 162 -12.39 -10.91 -1.54
C GLY A 162 -12.98 -10.70 -0.16
N LEU A 163 -13.68 -11.75 0.36
CA LEU A 163 -14.35 -11.78 1.67
C LEU A 163 -14.60 -13.21 2.18
N GLY A 172 -5.98 -12.23 6.51
CA GLY A 172 -4.74 -11.87 7.18
C GLY A 172 -3.50 -11.96 6.32
N GLY A 173 -2.41 -12.49 6.88
CA GLY A 173 -1.18 -12.63 6.12
C GLY A 173 0.08 -12.74 6.95
N SER A 174 1.23 -12.82 6.28
CA SER A 174 2.52 -12.99 6.92
C SER A 174 3.58 -12.05 6.38
N LEU A 175 4.38 -11.47 7.28
CA LEU A 175 5.57 -10.64 6.98
C LEU A 175 6.72 -11.37 7.65
N VAL A 176 7.53 -12.06 6.84
CA VAL A 176 8.67 -12.86 7.28
C VAL A 176 9.93 -12.01 7.15
N LEU A 177 10.44 -11.53 8.27
CA LEU A 177 11.63 -10.69 8.30
C LEU A 177 12.86 -11.53 8.51
N GLY A 178 13.73 -11.53 7.51
CA GLY A 178 14.96 -12.32 7.52
C GLY A 178 14.98 -13.55 6.60
N GLY A 179 13.89 -13.83 5.88
CA GLY A 179 13.88 -15.01 5.03
C GLY A 179 12.59 -15.38 4.31
N ILE A 180 12.53 -16.65 3.87
CA ILE A 180 11.47 -17.28 3.11
C ILE A 180 10.88 -18.45 3.89
N GLU A 181 9.55 -18.50 4.01
CA GLU A 181 8.91 -19.63 4.68
C GLU A 181 8.33 -20.61 3.63
N PRO A 182 8.88 -21.84 3.53
CA PRO A 182 8.42 -22.80 2.47
C PRO A 182 6.94 -23.21 2.54
N SER A 183 6.34 -23.11 3.74
CA SER A 183 4.93 -23.44 3.92
C SER A 183 4.01 -22.36 3.35
N LEU A 184 4.55 -21.19 2.96
CA LEU A 184 3.74 -20.09 2.41
C LEU A 184 3.62 -20.06 0.88
N TYR A 185 4.27 -21.00 0.18
CA TYR A 185 4.17 -21.07 -1.28
C TYR A 185 4.17 -22.50 -1.81
N LYS A 186 3.81 -22.63 -3.09
CA LYS A 186 3.77 -23.90 -3.82
C LYS A 186 4.47 -23.68 -5.17
N GLY A 187 5.13 -24.72 -5.63
CA GLY A 187 5.86 -24.68 -6.90
C GLY A 187 7.19 -23.96 -6.81
N ASP A 188 7.56 -23.27 -7.88
CA ASP A 188 8.84 -22.57 -7.98
C ASP A 188 8.76 -21.06 -7.82
N ILE A 189 9.89 -20.48 -7.36
CA ILE A 189 10.05 -19.05 -7.22
C ILE A 189 10.71 -18.54 -8.48
N TRP A 190 10.07 -17.55 -9.11
CA TRP A 190 10.63 -16.85 -10.26
C TRP A 190 11.18 -15.49 -9.79
N TYR A 191 12.42 -15.15 -10.18
CA TYR A 191 13.09 -13.93 -9.76
C TYR A 191 13.30 -12.93 -10.87
N THR A 192 12.92 -11.69 -10.60
CA THR A 192 13.11 -10.57 -11.50
C THR A 192 14.16 -9.62 -10.85
N PRO A 193 15.18 -9.18 -11.60
CA PRO A 193 16.18 -8.27 -10.98
C PRO A 193 15.60 -6.92 -10.51
N ILE A 194 16.18 -6.36 -9.41
CA ILE A 194 15.86 -5.02 -8.92
C ILE A 194 16.76 -4.13 -9.79
N LYS A 195 16.15 -3.25 -10.56
CA LYS A 195 16.81 -2.34 -11.51
C LYS A 195 17.46 -1.12 -10.83
N GLU A 196 16.87 -0.65 -9.72
CA GLU A 196 17.31 0.52 -8.97
C GLU A 196 16.86 0.38 -7.53
N GLU A 197 17.78 0.63 -6.61
CA GLU A 197 17.48 0.52 -5.19
C GLU A 197 17.09 1.88 -4.56
N TRP A 198 15.80 2.19 -4.65
CA TRP A 198 15.07 3.32 -4.07
C TRP A 198 13.73 2.70 -3.68
N TYR A 199 12.82 2.54 -4.63
CA TYR A 199 11.60 1.74 -4.48
C TYR A 199 12.08 0.36 -4.97
N TYR A 200 11.20 -0.65 -4.92
CA TYR A 200 11.53 -1.96 -5.44
C TYR A 200 11.19 -1.90 -6.93
N GLN A 201 12.09 -1.27 -7.72
CA GLN A 201 11.93 -1.09 -9.16
C GLN A 201 12.36 -2.31 -9.96
N ILE A 202 11.40 -2.88 -10.71
CA ILE A 202 11.59 -4.05 -11.55
C ILE A 202 11.25 -3.68 -13.00
N GLU A 203 11.59 -4.59 -13.95
CA GLU A 203 11.38 -4.37 -15.38
C GLU A 203 10.17 -5.12 -15.96
N ILE A 204 9.17 -4.36 -16.48
CA ILE A 204 7.97 -4.93 -17.13
C ILE A 204 8.20 -4.91 -18.62
N LEU A 205 7.97 -6.06 -19.25
CA LEU A 205 8.18 -6.26 -20.67
C LEU A 205 6.92 -6.24 -21.53
N LYS A 206 5.78 -6.72 -20.99
CA LYS A 206 4.54 -6.87 -21.75
C LYS A 206 3.35 -7.01 -20.82
N LEU A 207 2.16 -6.60 -21.31
CA LEU A 207 0.85 -6.76 -20.69
C LEU A 207 -0.05 -7.45 -21.72
N GLU A 208 -0.80 -8.49 -21.30
CA GLU A 208 -1.71 -9.30 -22.14
C GLU A 208 -3.07 -9.37 -21.47
N ILE A 209 -4.13 -9.02 -22.21
CA ILE A 209 -5.52 -9.07 -21.71
C ILE A 209 -6.26 -10.09 -22.55
N GLY A 210 -6.70 -11.17 -21.93
CA GLY A 210 -7.37 -12.26 -22.62
C GLY A 210 -6.49 -12.86 -23.69
N GLY A 211 -5.22 -13.08 -23.35
CA GLY A 211 -4.22 -13.59 -24.26
C GLY A 211 -3.77 -12.64 -25.35
N GLN A 212 -4.37 -11.42 -25.43
CA GLN A 212 -4.06 -10.41 -26.44
C GLN A 212 -3.11 -9.34 -25.91
N SER A 213 -1.97 -9.21 -26.56
CA SER A 213 -0.90 -8.27 -26.24
C SER A 213 -1.34 -6.83 -26.57
N LEU A 214 -0.91 -5.85 -25.75
CA LEU A 214 -1.24 -4.45 -25.99
C LEU A 214 -0.36 -3.93 -27.16
N ASN A 215 -0.88 -3.00 -27.97
CA ASN A 215 -0.07 -2.46 -29.08
C ASN A 215 0.91 -1.35 -28.55
N LEU A 216 1.83 -1.72 -27.63
CA LEU A 216 2.72 -0.72 -26.98
C LEU A 216 4.18 -1.13 -26.88
N ASP A 217 5.08 -0.13 -26.99
CA ASP A 217 6.53 -0.28 -26.82
C ASP A 217 6.78 -0.66 -25.34
N CYS A 218 7.68 -1.64 -25.07
CA CYS A 218 7.94 -2.10 -23.69
C CYS A 218 8.39 -0.97 -22.73
N ARG A 219 8.83 0.20 -23.28
CA ARG A 219 9.28 1.35 -22.49
C ARG A 219 8.14 2.09 -21.78
N GLU A 220 6.92 2.04 -22.35
CA GLU A 220 5.69 2.64 -21.81
C GLU A 220 5.36 2.11 -20.40
N TYR A 221 5.76 0.85 -20.14
CA TYR A 221 5.50 0.14 -18.89
C TYR A 221 6.46 0.57 -17.80
N ASN A 222 7.62 1.12 -18.19
CA ASN A 222 8.66 1.57 -17.26
C ASN A 222 8.85 3.09 -17.37
N ALA A 223 7.71 3.79 -17.57
CA ALA A 223 7.63 5.23 -17.69
C ALA A 223 6.87 5.86 -16.47
N ASP A 224 7.59 6.46 -15.48
CA ASP A 224 9.05 6.61 -15.38
C ASP A 224 9.71 5.45 -14.62
N LYS A 225 8.89 4.55 -14.02
CA LYS A 225 9.34 3.36 -13.28
C LYS A 225 8.18 2.39 -12.99
N ALA A 226 8.49 1.08 -12.89
CA ALA A 226 7.56 0.02 -12.52
C ALA A 226 8.01 -0.47 -11.13
N ILE A 227 7.15 -0.35 -10.10
CA ILE A 227 7.56 -0.67 -8.73
C ILE A 227 6.61 -1.65 -8.03
N VAL A 228 7.10 -2.35 -6.98
CA VAL A 228 6.29 -3.27 -6.16
C VAL A 228 6.07 -2.56 -4.80
N ASP A 229 4.79 -2.11 -4.56
CA ASP A 229 4.37 -1.31 -3.39
C ASP A 229 3.13 -1.88 -2.63
N SER A 230 3.36 -2.39 -1.40
CA SER A 230 2.33 -2.94 -0.51
C SER A 230 1.43 -1.86 0.13
N GLY A 231 1.87 -0.60 0.08
CA GLY A 231 1.10 0.53 0.60
C GLY A 231 0.16 1.16 -0.41
N THR A 232 0.20 0.71 -1.69
CA THR A 232 -0.72 1.14 -2.75
C THR A 232 -1.77 0.06 -2.85
N THR A 233 -3.04 0.45 -2.82
CA THR A 233 -4.18 -0.47 -2.89
C THR A 233 -4.29 -1.12 -4.28
N LEU A 234 -4.50 -0.30 -5.32
CA LEU A 234 -4.78 -0.70 -6.70
C LEU A 234 -3.57 -0.88 -7.60
N LEU A 235 -3.81 -1.43 -8.82
CA LEU A 235 -2.77 -1.54 -9.84
C LEU A 235 -2.83 -0.20 -10.56
N ARG A 236 -1.71 0.54 -10.56
CA ARG A 236 -1.69 1.87 -11.18
C ARG A 236 -0.93 1.80 -12.48
N LEU A 237 -1.47 2.35 -13.59
CA LEU A 237 -0.79 2.29 -14.89
C LEU A 237 -0.61 3.65 -15.49
N PRO A 238 0.53 3.96 -16.16
CA PRO A 238 0.64 5.27 -16.85
C PRO A 238 -0.54 5.44 -17.80
N GLN A 239 -1.16 6.65 -17.86
CA GLN A 239 -2.36 6.96 -18.66
C GLN A 239 -2.47 6.24 -20.01
N LYS A 240 -1.41 6.24 -20.82
CA LYS A 240 -1.39 5.59 -22.13
C LYS A 240 -1.61 4.07 -22.00
N VAL A 241 -0.95 3.44 -21.01
CA VAL A 241 -1.07 2.00 -20.71
C VAL A 241 -2.50 1.72 -20.21
N PHE A 242 -2.98 2.58 -19.29
CA PHE A 242 -4.30 2.54 -18.70
C PHE A 242 -5.43 2.55 -19.76
N ASP A 243 -5.33 3.44 -20.79
CA ASP A 243 -6.34 3.56 -21.85
C ASP A 243 -6.42 2.33 -22.72
N ALA A 244 -5.24 1.75 -23.03
CA ALA A 244 -5.06 0.53 -23.81
C ALA A 244 -5.68 -0.70 -23.07
N VAL A 245 -5.49 -0.79 -21.74
CA VAL A 245 -6.00 -1.85 -20.85
C VAL A 245 -7.55 -1.76 -20.79
N VAL A 246 -8.11 -0.56 -20.62
CA VAL A 246 -9.55 -0.34 -20.56
C VAL A 246 -10.19 -0.83 -21.89
N GLU A 247 -9.57 -0.49 -23.03
CA GLU A 247 -10.02 -0.87 -24.36
C GLU A 247 -10.00 -2.40 -24.55
N ALA A 248 -8.94 -3.05 -24.08
CA ALA A 248 -8.74 -4.49 -24.15
C ALA A 248 -9.67 -5.27 -23.22
N VAL A 249 -9.94 -4.75 -22.01
CA VAL A 249 -10.83 -5.35 -21.01
C VAL A 249 -12.26 -5.31 -21.49
N ALA A 250 -12.73 -4.14 -22.00
CA ALA A 250 -14.08 -3.95 -22.54
C ALA A 250 -14.39 -4.90 -23.72
N ARG A 251 -13.45 -5.05 -24.66
CA ARG A 251 -13.53 -5.90 -25.85
C ARG A 251 -13.69 -7.40 -25.48
N ALA A 252 -12.92 -7.88 -24.47
CA ALA A 252 -12.89 -9.28 -24.06
C ALA A 252 -13.94 -9.65 -22.98
N SER A 253 -14.71 -8.67 -22.54
CA SER A 253 -15.72 -8.85 -21.50
C SER A 253 -17.05 -9.28 -22.08
N LEU A 254 -17.85 -9.97 -21.25
CA LEU A 254 -19.20 -10.43 -21.58
C LEU A 254 -20.23 -9.36 -21.26
N ILE A 255 -19.84 -8.24 -20.62
CA ILE A 255 -20.72 -7.11 -20.35
C ILE A 255 -20.83 -6.34 -21.66
N PRO A 256 -22.04 -6.30 -22.29
CA PRO A 256 -22.18 -5.63 -23.59
C PRO A 256 -21.56 -4.24 -23.67
N ALA A 257 -21.94 -3.34 -22.76
CA ALA A 257 -21.44 -1.96 -22.74
C ALA A 257 -21.11 -1.51 -21.33
N PHE A 258 -20.06 -0.66 -21.20
CA PHE A 258 -19.66 -0.10 -19.90
C PHE A 258 -19.93 1.41 -19.85
N SER A 259 -20.25 1.93 -18.67
CA SER A 259 -20.41 3.35 -18.44
C SER A 259 -18.99 3.88 -18.17
N ASP A 260 -18.67 5.06 -18.72
CA ASP A 260 -17.36 5.67 -18.62
C ASP A 260 -16.84 5.87 -17.21
N GLY A 261 -17.74 6.12 -16.26
CA GLY A 261 -17.42 6.32 -14.85
C GLY A 261 -16.93 5.08 -14.12
N PHE A 262 -17.22 3.87 -14.66
CA PHE A 262 -16.72 2.63 -14.07
C PHE A 262 -15.16 2.60 -14.08
N TRP A 263 -14.56 2.92 -15.24
CA TRP A 263 -13.11 2.97 -15.44
C TRP A 263 -12.37 3.97 -14.55
N THR A 264 -13.01 5.09 -14.17
CA THR A 264 -12.45 6.15 -13.33
C THR A 264 -12.78 6.01 -11.83
N GLY A 265 -13.67 5.09 -11.47
CA GLY A 265 -14.08 4.88 -10.08
C GLY A 265 -15.26 5.72 -9.63
N SER A 266 -15.80 6.58 -10.52
CA SER A 266 -16.96 7.43 -10.23
C SER A 266 -18.29 6.62 -10.24
N GLN A 267 -18.31 5.46 -10.91
CA GLN A 267 -19.50 4.58 -10.93
C GLN A 267 -19.04 3.13 -10.59
N LEU A 268 -19.89 2.37 -9.91
CA LEU A 268 -19.66 0.98 -9.53
C LEU A 268 -20.58 0.08 -10.36
N ALA A 269 -20.18 -1.18 -10.55
CA ALA A 269 -20.90 -2.19 -11.29
C ALA A 269 -21.61 -3.02 -10.24
N CYS A 270 -22.94 -3.01 -10.25
CA CYS A 270 -23.80 -3.63 -9.24
C CYS A 270 -24.59 -4.80 -9.75
N TRP A 271 -24.45 -5.96 -9.09
CA TRP A 271 -25.17 -7.21 -9.43
C TRP A 271 -26.19 -7.48 -8.34
N THR A 272 -27.38 -7.90 -8.73
CA THR A 272 -28.44 -8.24 -7.79
C THR A 272 -28.47 -9.75 -7.59
N ASN A 273 -29.30 -10.22 -6.66
CA ASN A 273 -29.35 -11.62 -6.26
C ASN A 273 -27.98 -11.99 -5.60
N SER A 274 -27.49 -13.22 -5.75
CA SER A 274 -26.21 -13.58 -5.12
C SER A 274 -25.05 -13.65 -6.12
N GLU A 275 -25.33 -13.27 -7.37
CA GLU A 275 -24.50 -13.27 -8.56
C GLU A 275 -23.14 -12.56 -8.44
N THR A 276 -22.07 -13.26 -8.88
CA THR A 276 -20.68 -12.78 -8.88
C THR A 276 -20.24 -12.24 -10.27
N PRO A 277 -19.32 -11.26 -10.30
CA PRO A 277 -18.92 -10.66 -11.59
C PRO A 277 -17.83 -11.35 -12.42
N TRP A 278 -17.01 -12.14 -11.78
CA TRP A 278 -15.75 -12.72 -12.25
C TRP A 278 -15.80 -13.51 -13.57
N SER A 279 -16.93 -14.14 -13.89
CA SER A 279 -17.08 -14.88 -15.15
C SER A 279 -17.31 -13.95 -16.38
N TYR A 280 -17.50 -12.64 -16.17
CA TYR A 280 -17.72 -11.67 -17.24
C TYR A 280 -16.44 -10.97 -17.70
N PHE A 281 -15.29 -11.21 -16.99
CA PHE A 281 -14.04 -10.51 -17.28
C PHE A 281 -12.86 -11.38 -17.70
N PRO A 282 -11.90 -10.85 -18.51
CA PRO A 282 -10.74 -11.68 -18.88
C PRO A 282 -9.60 -11.69 -17.84
N LYS A 283 -8.55 -12.48 -18.11
CA LYS A 283 -7.36 -12.52 -17.26
C LYS A 283 -6.39 -11.41 -17.74
N ILE A 284 -5.56 -10.93 -16.80
CA ILE A 284 -4.51 -9.94 -17.07
C ILE A 284 -3.16 -10.56 -16.72
N SER A 285 -2.22 -10.55 -17.69
CA SER A 285 -0.87 -11.06 -17.54
C SER A 285 0.18 -9.98 -17.67
N ILE A 286 1.14 -10.00 -16.72
CA ILE A 286 2.27 -9.09 -16.68
C ILE A 286 3.53 -9.92 -16.85
N TYR A 287 4.33 -9.59 -17.89
CA TYR A 287 5.58 -10.30 -18.19
C TYR A 287 6.75 -9.59 -17.57
N LEU A 288 7.53 -10.32 -16.80
CA LEU A 288 8.71 -9.76 -16.11
C LEU A 288 9.96 -10.47 -16.55
N ARG A 289 11.07 -9.73 -16.66
CA ARG A 289 12.34 -10.33 -17.04
C ARG A 289 12.90 -11.26 -15.96
N ASP A 290 13.38 -12.43 -16.38
CA ASP A 290 14.02 -13.38 -15.49
C ASP A 290 15.48 -12.88 -15.24
N GLU A 291 16.19 -13.53 -14.31
CA GLU A 291 17.59 -13.23 -13.97
C GLU A 291 18.56 -13.51 -15.16
N ASN A 292 18.19 -14.46 -16.04
CA ASN A 292 18.84 -14.71 -17.32
C ASN A 292 18.01 -13.81 -18.27
N SER A 293 18.60 -12.68 -18.74
CA SER A 293 17.88 -11.67 -19.55
C SER A 293 17.20 -12.20 -20.81
N SER A 294 17.65 -13.36 -21.33
CA SER A 294 17.01 -13.98 -22.51
C SER A 294 15.62 -14.61 -22.21
N ARG A 295 15.21 -14.64 -20.94
CA ARG A 295 13.97 -15.24 -20.47
C ARG A 295 13.05 -14.30 -19.70
N SER A 296 11.76 -14.65 -19.69
CA SER A 296 10.76 -13.96 -18.90
C SER A 296 9.83 -14.96 -18.29
N PHE A 297 9.08 -14.52 -17.28
CA PHE A 297 7.99 -15.27 -16.66
C PHE A 297 6.79 -14.32 -16.61
N ARG A 298 5.58 -14.86 -16.50
CA ARG A 298 4.41 -14.01 -16.36
C ARG A 298 3.62 -14.33 -15.11
N ILE A 299 3.15 -13.26 -14.48
CA ILE A 299 2.26 -13.32 -13.34
C ILE A 299 0.87 -12.94 -13.87
N THR A 300 -0.12 -13.83 -13.70
CA THR A 300 -1.50 -13.65 -14.19
C THR A 300 -2.45 -13.44 -13.04
N ILE A 301 -3.31 -12.42 -13.15
CA ILE A 301 -4.34 -12.14 -12.15
C ILE A 301 -5.73 -12.41 -12.76
N LEU A 302 -6.62 -13.05 -11.99
CA LEU A 302 -7.95 -13.32 -12.50
C LEU A 302 -8.86 -12.14 -12.10
N PRO A 303 -10.10 -12.02 -12.65
CA PRO A 303 -10.97 -10.89 -12.26
C PRO A 303 -11.19 -10.71 -10.76
N GLN A 304 -11.12 -11.81 -9.97
CA GLN A 304 -11.27 -11.83 -8.50
C GLN A 304 -10.32 -10.84 -7.82
N LEU A 305 -9.20 -10.53 -8.48
CA LEU A 305 -8.22 -9.59 -7.94
C LEU A 305 -8.41 -8.14 -8.43
N TYR A 306 -8.89 -7.88 -9.69
CA TYR A 306 -9.02 -6.50 -10.15
C TYR A 306 -10.49 -5.99 -10.21
N ILE A 307 -11.51 -6.80 -9.79
CA ILE A 307 -12.91 -6.38 -9.72
C ILE A 307 -13.23 -6.48 -8.23
N GLN A 308 -13.20 -5.34 -7.53
CA GLN A 308 -13.26 -5.30 -6.06
C GLN A 308 -14.57 -4.91 -5.42
N PRO A 309 -15.01 -5.72 -4.42
CA PRO A 309 -16.24 -5.39 -3.67
C PRO A 309 -16.12 -4.07 -2.88
N MET A 310 -17.25 -3.32 -2.75
CA MET A 310 -17.32 -2.05 -2.01
C MET A 310 -18.26 -2.17 -0.81
N LEU A 315 -32.35 -3.43 -1.85
CA LEU A 315 -32.44 -3.84 -3.26
C LEU A 315 -31.55 -5.08 -3.51
N ASN A 316 -30.81 -5.51 -2.46
CA ASN A 316 -29.89 -6.67 -2.42
C ASN A 316 -28.78 -6.59 -3.48
N TYR A 317 -28.10 -5.42 -3.55
CA TYR A 317 -27.00 -5.17 -4.48
C TYR A 317 -25.65 -5.38 -3.86
N GLU A 318 -24.73 -5.90 -4.67
CA GLU A 318 -23.32 -6.10 -4.35
C GLU A 318 -22.60 -5.32 -5.45
N CYS A 319 -21.87 -4.25 -5.06
CA CYS A 319 -21.21 -3.37 -6.01
C CYS A 319 -19.71 -3.51 -6.01
N TYR A 320 -19.14 -3.40 -7.22
CA TYR A 320 -17.72 -3.62 -7.47
C TYR A 320 -17.09 -2.47 -8.16
N ARG A 321 -15.84 -2.17 -7.80
CA ARG A 321 -15.06 -1.13 -8.46
C ARG A 321 -13.97 -1.72 -9.35
N PHE A 322 -13.54 -0.92 -10.33
CA PHE A 322 -12.42 -1.28 -11.20
C PHE A 322 -11.15 -1.10 -10.32
N GLY A 323 -10.38 -2.17 -10.13
CA GLY A 323 -9.20 -2.24 -9.28
C GLY A 323 -7.91 -1.80 -9.92
N ILE A 324 -8.02 -0.90 -10.92
CA ILE A 324 -6.89 -0.37 -11.70
C ILE A 324 -7.15 1.12 -11.85
N SER A 325 -6.12 1.96 -11.64
CA SER A 325 -6.28 3.41 -11.76
C SER A 325 -5.15 4.03 -12.60
N PRO A 326 -5.39 5.14 -13.34
CA PRO A 326 -4.31 5.74 -14.13
C PRO A 326 -3.33 6.48 -13.24
N SER A 327 -2.09 6.57 -13.70
CA SER A 327 -1.01 7.23 -12.98
C SER A 327 -0.29 8.19 -13.92
N THR A 328 0.35 9.21 -13.33
CA THR A 328 1.08 10.20 -14.11
C THR A 328 2.38 9.62 -14.67
N ASN A 329 3.28 9.13 -13.80
CA ASN A 329 4.58 8.63 -14.24
C ASN A 329 5.06 7.34 -13.54
N ALA A 330 4.17 6.38 -13.29
CA ALA A 330 4.57 5.16 -12.58
C ALA A 330 3.62 4.00 -12.78
N LEU A 331 4.18 2.79 -12.89
CA LEU A 331 3.40 1.57 -12.94
C LEU A 331 3.62 0.99 -11.55
N VAL A 332 2.54 0.85 -10.78
CA VAL A 332 2.61 0.39 -9.40
C VAL A 332 1.92 -0.94 -9.20
N ILE A 333 2.71 -1.97 -8.85
CA ILE A 333 2.18 -3.30 -8.53
C ILE A 333 1.73 -3.24 -7.05
N GLY A 334 0.45 -2.86 -6.87
CA GLY A 334 -0.19 -2.68 -5.57
C GLY A 334 -0.49 -3.96 -4.81
N ALA A 335 -1.09 -3.83 -3.62
CA ALA A 335 -1.48 -4.95 -2.76
C ALA A 335 -2.56 -5.83 -3.44
N THR A 336 -3.29 -5.26 -4.45
CA THR A 336 -4.28 -5.90 -5.33
C THR A 336 -3.60 -7.06 -6.13
N VAL A 337 -2.40 -6.81 -6.70
CA VAL A 337 -1.62 -7.82 -7.43
C VAL A 337 -0.92 -8.77 -6.45
N MET A 338 -0.29 -8.21 -5.38
CA MET A 338 0.43 -8.97 -4.33
C MET A 338 -0.47 -9.98 -3.60
N GLU A 339 -1.79 -9.74 -3.59
CA GLU A 339 -2.80 -10.65 -3.00
C GLU A 339 -2.92 -12.02 -3.72
N GLY A 340 -2.24 -12.15 -4.86
CA GLY A 340 -2.24 -13.41 -5.60
C GLY A 340 -0.99 -14.24 -5.49
N PHE A 341 0.08 -13.69 -4.88
CA PHE A 341 1.40 -14.31 -4.83
C PHE A 341 2.10 -14.22 -3.49
N TYR A 342 3.13 -15.05 -3.32
CA TYR A 342 4.06 -14.97 -2.20
C TYR A 342 5.20 -14.14 -2.80
N VAL A 343 5.43 -12.94 -2.25
CA VAL A 343 6.42 -12.00 -2.80
C VAL A 343 7.68 -11.91 -1.89
N ILE A 344 8.85 -12.15 -2.48
CA ILE A 344 10.15 -12.14 -1.80
C ILE A 344 10.93 -10.87 -2.15
N PHE A 345 11.26 -10.07 -1.15
CA PHE A 345 12.04 -8.84 -1.34
C PHE A 345 13.46 -9.17 -0.91
N ASP A 346 14.23 -9.74 -1.88
CA ASP A 346 15.58 -10.26 -1.71
C ASP A 346 16.62 -9.15 -1.99
N ARG A 347 16.81 -8.27 -0.99
CA ARG A 347 17.71 -7.13 -1.03
C ARG A 347 19.15 -7.57 -1.14
N ALA A 348 19.52 -8.69 -0.47
CA ALA A 348 20.88 -9.25 -0.49
C ALA A 348 21.29 -9.69 -1.90
N GLN A 349 20.36 -10.24 -2.71
CA GLN A 349 20.69 -10.67 -4.06
C GLN A 349 20.12 -9.75 -5.18
N LYS A 350 19.72 -8.50 -4.84
CA LYS A 350 19.20 -7.45 -5.74
C LYS A 350 18.12 -7.97 -6.67
N ARG A 351 17.12 -8.68 -6.11
CA ARG A 351 16.06 -9.30 -6.89
C ARG A 351 14.74 -9.42 -6.14
N VAL A 352 13.61 -9.50 -6.87
CA VAL A 352 12.28 -9.69 -6.31
C VAL A 352 11.75 -11.05 -6.83
N GLY A 353 11.30 -11.91 -5.91
CA GLY A 353 10.74 -13.22 -6.23
C GLY A 353 9.24 -13.30 -6.11
N PHE A 354 8.60 -14.07 -7.01
CA PHE A 354 7.15 -14.36 -7.07
C PHE A 354 6.90 -15.87 -7.10
N ALA A 355 5.93 -16.34 -6.32
CA ALA A 355 5.56 -17.77 -6.23
C ALA A 355 4.05 -17.91 -6.02
N ALA A 356 3.50 -19.06 -6.39
CA ALA A 356 2.08 -19.36 -6.20
C ALA A 356 1.79 -19.47 -4.68
N SER A 357 0.77 -18.72 -4.21
CA SER A 357 0.35 -18.67 -2.82
C SER A 357 -0.92 -19.53 -2.57
N PRO A 358 -0.82 -20.66 -1.81
CA PRO A 358 -2.02 -21.48 -1.53
C PRO A 358 -3.20 -20.73 -0.90
N CYS A 359 -2.92 -19.71 -0.07
CA CYS A 359 -3.89 -18.89 0.63
C CYS A 359 -4.65 -17.93 -0.31
N ALA A 360 -4.09 -17.68 -1.51
CA ALA A 360 -4.70 -16.81 -2.52
C ALA A 360 -5.80 -17.56 -3.29
N GLU A 361 -6.97 -17.73 -2.65
CA GLU A 361 -8.14 -18.39 -3.26
C GLU A 361 -9.48 -17.92 -2.69
N ILE A 362 -10.45 -17.72 -3.58
CA ILE A 362 -11.81 -17.28 -3.29
C ILE A 362 -12.71 -18.39 -3.81
N ALA A 363 -13.66 -18.85 -2.96
CA ALA A 363 -14.61 -19.94 -3.26
C ALA A 363 -13.89 -21.24 -3.74
N GLY A 364 -12.81 -21.58 -3.06
CA GLY A 364 -12.00 -22.76 -3.37
C GLY A 364 -11.29 -22.79 -4.70
N ALA A 365 -11.20 -21.65 -5.42
CA ALA A 365 -10.51 -21.58 -6.71
C ALA A 365 -9.37 -20.55 -6.67
N ALA A 366 -8.28 -20.81 -7.43
CA ALA A 366 -7.13 -19.93 -7.57
C ALA A 366 -7.58 -18.60 -8.21
N VAL A 367 -7.02 -17.47 -7.75
CA VAL A 367 -7.34 -16.12 -8.20
C VAL A 367 -6.20 -15.57 -9.07
N SER A 368 -5.13 -16.37 -9.24
CA SER A 368 -3.90 -16.02 -9.94
C SER A 368 -3.18 -17.25 -10.45
N GLU A 369 -2.16 -17.03 -11.28
CA GLU A 369 -1.32 -18.06 -11.88
C GLU A 369 0.07 -17.48 -12.06
N ILE A 370 1.06 -18.35 -12.17
CA ILE A 370 2.44 -18.01 -12.46
C ILE A 370 2.96 -19.04 -13.48
N SER A 371 3.61 -18.54 -14.54
CA SER A 371 4.07 -19.37 -15.66
C SER A 371 5.41 -18.87 -16.24
N GLY A 372 6.17 -19.77 -16.84
CA GLY A 372 7.45 -19.46 -17.46
C GLY A 372 8.23 -20.71 -17.79
N PRO A 373 9.31 -20.63 -18.59
CA PRO A 373 9.89 -19.43 -19.20
C PRO A 373 9.36 -19.10 -20.59
N PHE A 374 9.53 -17.83 -21.01
CA PHE A 374 9.19 -17.31 -22.34
C PHE A 374 10.42 -16.59 -22.91
N SER A 375 10.48 -16.48 -24.23
CA SER A 375 11.55 -15.81 -24.95
C SER A 375 11.42 -14.29 -24.92
N THR A 376 12.55 -13.57 -24.71
CA THR A 376 12.57 -12.11 -24.72
C THR A 376 13.08 -11.56 -26.06
N GLU A 377 13.36 -12.43 -27.06
CA GLU A 377 13.85 -12.08 -28.41
C GLU A 377 13.04 -10.95 -29.11
N ASP A 378 11.71 -10.95 -28.98
CA ASP A 378 10.78 -9.96 -29.56
C ASP A 378 10.75 -8.63 -28.75
N VAL A 379 11.69 -8.44 -27.81
CA VAL A 379 11.74 -7.25 -26.95
C VAL A 379 13.19 -6.77 -26.76
N ALA A 380 13.35 -5.46 -26.44
CA ALA A 380 14.65 -4.82 -26.23
C ALA A 380 15.38 -5.43 -25.03
N SER A 381 16.74 -5.36 -25.02
CA SER A 381 17.58 -5.86 -23.91
C SER A 381 17.41 -5.03 -22.62
N ASN A 382 16.79 -3.83 -22.74
CA ASN A 382 16.47 -2.91 -21.65
C ASN A 382 15.22 -2.07 -22.02
N CYS A 383 14.17 -2.20 -21.20
CA CYS A 383 12.88 -1.54 -21.41
C CYS A 383 12.69 -0.35 -20.47
N VAL A 384 13.75 0.01 -19.74
CA VAL A 384 13.75 1.12 -18.78
C VAL A 384 14.38 2.40 -19.40
N PRO A 385 13.55 3.42 -19.73
CA PRO A 385 14.10 4.66 -20.33
C PRO A 385 14.88 5.51 -19.33
N GLN B 1 29.50 11.63 1.01
CA GLN B 1 28.70 10.58 1.66
C GLN B 1 29.32 10.16 3.02
N VAL B 2 28.57 9.34 3.79
CA VAL B 2 28.90 8.74 5.09
C VAL B 2 30.28 8.07 5.04
N GLN B 3 31.20 8.50 5.92
CA GLN B 3 32.55 7.94 6.04
C GLN B 3 32.79 7.46 7.47
N LEU B 4 33.29 6.22 7.62
CA LEU B 4 33.59 5.57 8.90
C LEU B 4 34.92 4.86 8.80
N GLN B 5 35.77 4.97 9.85
CA GLN B 5 37.09 4.35 9.90
C GLN B 5 37.42 3.83 11.31
N GLU B 6 37.53 2.50 11.46
CA GLU B 6 37.82 1.84 12.73
C GLU B 6 39.34 1.70 12.96
N SER B 7 39.76 1.64 14.23
CA SER B 7 41.15 1.42 14.64
C SER B 7 41.21 0.83 16.05
N GLY B 8 42.38 0.34 16.46
CA GLY B 8 42.60 -0.19 17.80
C GLY B 8 42.65 -1.69 17.93
N GLY B 9 42.46 -2.37 16.80
CA GLY B 9 42.50 -3.82 16.72
C GLY B 9 43.93 -4.32 16.86
N GLY B 10 44.06 -5.54 17.34
CA GLY B 10 45.35 -6.16 17.50
C GLY B 10 45.25 -7.62 17.88
N LEU B 11 46.38 -8.16 18.32
CA LEU B 11 46.53 -9.55 18.75
C LEU B 11 46.85 -9.49 20.23
N VAL B 12 46.02 -10.16 21.03
CA VAL B 12 46.07 -10.23 22.49
C VAL B 12 45.90 -11.68 22.95
N GLN B 13 46.27 -11.95 24.19
CA GLN B 13 46.14 -13.26 24.82
C GLN B 13 44.75 -13.33 25.46
N PRO B 14 44.18 -14.54 25.78
CA PRO B 14 42.89 -14.57 26.52
C PRO B 14 43.01 -13.81 27.86
N GLY B 15 42.02 -12.97 28.16
CA GLY B 15 42.01 -12.13 29.35
C GLY B 15 42.48 -10.71 29.09
N GLY B 16 42.95 -10.47 27.86
CA GLY B 16 43.44 -9.20 27.37
C GLY B 16 42.38 -8.14 27.18
N SER B 17 42.84 -6.95 26.79
CA SER B 17 42.01 -5.78 26.60
C SER B 17 42.39 -5.02 25.35
N LEU B 18 41.43 -4.32 24.77
CA LEU B 18 41.61 -3.49 23.58
C LEU B 18 40.60 -2.35 23.63
N ARG B 19 40.96 -1.22 23.02
CA ARG B 19 40.08 -0.07 22.93
C ARG B 19 39.92 0.28 21.45
N LEU B 20 38.73 -0.01 20.90
CA LEU B 20 38.42 0.31 19.52
C LEU B 20 37.85 1.72 19.42
N SER B 21 38.14 2.39 18.30
CA SER B 21 37.72 3.73 17.92
C SER B 21 37.15 3.67 16.54
N CYS B 22 36.26 4.61 16.22
CA CYS B 22 35.68 4.78 14.90
C CYS B 22 35.54 6.27 14.63
N ALA B 23 36.23 6.77 13.61
CA ALA B 23 36.16 8.19 13.22
C ALA B 23 35.05 8.31 12.16
N ALA B 24 34.19 9.33 12.29
CA ALA B 24 33.09 9.52 11.35
C ALA B 24 33.10 10.92 10.73
N SER B 25 32.71 11.01 9.45
CA SER B 25 32.58 12.26 8.68
C SER B 25 31.55 12.06 7.57
N GLY B 26 31.13 13.15 6.96
CA GLY B 26 30.18 13.12 5.85
C GLY B 26 28.71 13.14 6.23
N PHE B 27 28.41 13.06 7.53
CA PHE B 27 27.04 13.08 8.07
C PHE B 27 27.04 13.68 9.47
N THR B 28 25.85 14.10 9.96
CA THR B 28 25.67 14.65 11.31
C THR B 28 25.71 13.47 12.31
N PHE B 29 26.93 13.14 12.78
CA PHE B 29 27.23 12.07 13.73
C PHE B 29 26.45 12.23 15.06
N SER B 30 26.36 13.48 15.57
CA SER B 30 25.69 13.82 16.82
C SER B 30 24.17 13.59 16.80
N SER B 31 23.61 13.26 15.62
CA SER B 31 22.19 12.96 15.42
C SER B 31 21.97 11.51 14.95
N ALA B 32 23.02 10.66 14.96
CA ALA B 32 22.93 9.27 14.48
C ALA B 32 23.11 8.18 15.55
N ILE B 33 22.30 7.11 15.41
CA ILE B 33 22.39 5.86 16.17
C ILE B 33 23.67 5.17 15.60
N MET B 34 24.51 4.61 16.49
CA MET B 34 25.76 3.98 16.08
C MET B 34 25.83 2.54 16.56
N THR B 35 26.38 1.64 15.73
CA THR B 35 26.42 0.22 16.02
C THR B 35 27.80 -0.38 15.80
N TRP B 36 28.16 -1.36 16.62
CA TRP B 36 29.33 -2.19 16.44
C TRP B 36 28.82 -3.57 16.04
N VAL B 37 29.37 -4.11 14.96
CA VAL B 37 29.06 -5.44 14.44
C VAL B 37 30.39 -6.19 14.22
N ARG B 38 30.38 -7.53 14.35
CA ARG B 38 31.61 -8.28 14.14
C ARG B 38 31.42 -9.44 13.15
N GLN B 39 32.48 -9.78 12.40
CA GLN B 39 32.49 -10.88 11.44
C GLN B 39 33.65 -11.81 11.80
N ALA B 40 33.34 -12.98 12.36
CA ALA B 40 34.34 -13.98 12.74
C ALA B 40 34.54 -14.98 11.63
N PRO B 41 35.77 -15.49 11.42
CA PRO B 41 35.99 -16.48 10.35
C PRO B 41 35.13 -17.75 10.51
N GLY B 42 34.51 -18.20 9.43
CA GLY B 42 33.69 -19.40 9.41
C GLY B 42 32.32 -19.35 10.06
N LYS B 43 31.90 -18.15 10.54
CA LYS B 43 30.62 -17.90 11.22
C LYS B 43 29.87 -16.74 10.53
N GLY B 44 28.57 -16.61 10.78
CA GLY B 44 27.80 -15.47 10.30
C GLY B 44 28.13 -14.21 11.10
N ARG B 45 27.77 -13.02 10.56
CA ARG B 45 27.96 -11.70 11.18
C ARG B 45 27.18 -11.62 12.50
N GLU B 46 27.79 -11.02 13.52
CA GLU B 46 27.18 -10.96 14.84
C GLU B 46 27.13 -9.52 15.38
N TRP B 47 25.93 -9.08 15.80
CA TRP B 47 25.72 -7.76 16.39
C TRP B 47 26.42 -7.71 17.73
N VAL B 48 27.15 -6.62 18.02
CA VAL B 48 27.85 -6.44 19.29
C VAL B 48 27.12 -5.44 20.21
N SER B 49 26.99 -4.17 19.76
CA SER B 49 26.45 -3.10 20.60
C SER B 49 25.88 -1.94 19.80
N THR B 50 24.90 -1.23 20.38
CA THR B 50 24.22 -0.07 19.80
C THR B 50 24.16 1.06 20.84
N ILE B 51 24.40 2.29 20.38
CA ILE B 51 24.33 3.50 21.18
C ILE B 51 23.45 4.58 20.48
N GLY B 52 22.54 5.18 21.24
CA GLY B 52 21.69 6.28 20.79
C GLY B 52 22.50 7.55 20.57
N SER B 53 21.98 8.50 19.73
CA SER B 53 22.71 9.70 19.32
C SER B 53 23.33 10.53 20.47
N ASP B 54 22.65 10.64 21.62
CA ASP B 54 23.22 11.42 22.72
C ASP B 54 24.05 10.57 23.73
N GLY B 55 24.18 9.26 23.50
CA GLY B 55 24.97 8.38 24.35
C GLY B 55 24.32 7.74 25.57
N SER B 56 23.14 8.23 25.96
CA SER B 56 22.43 7.74 27.16
C SER B 56 21.82 6.33 26.98
N ILE B 57 21.36 5.99 25.77
CA ILE B 57 20.73 4.69 25.55
C ILE B 57 21.73 3.74 24.88
N THR B 58 22.01 2.62 25.57
CA THR B 58 22.95 1.59 25.11
C THR B 58 22.37 0.19 25.28
N THR B 59 22.63 -0.67 24.27
CA THR B 59 22.22 -2.07 24.24
C THR B 59 23.42 -2.92 23.89
N TYR B 60 23.46 -4.17 24.40
CA TYR B 60 24.57 -5.10 24.20
C TYR B 60 24.07 -6.49 23.93
N ALA B 61 24.82 -7.24 23.08
CA ALA B 61 24.56 -8.66 22.79
C ALA B 61 24.87 -9.40 24.10
N ASP B 62 24.06 -10.43 24.45
CA ASP B 62 24.27 -11.24 25.66
C ASP B 62 25.70 -11.77 25.81
N SER B 63 26.36 -12.12 24.69
CA SER B 63 27.73 -12.66 24.62
C SER B 63 28.85 -11.67 24.98
N VAL B 64 28.54 -10.37 25.03
CA VAL B 64 29.53 -9.33 25.34
C VAL B 64 29.17 -8.50 26.60
N LYS B 65 27.92 -8.65 27.12
CA LYS B 65 27.45 -7.90 28.28
C LYS B 65 28.33 -8.09 29.52
N GLY B 66 28.70 -6.98 30.13
CA GLY B 66 29.56 -6.95 31.31
C GLY B 66 31.05 -6.92 30.99
N ARG B 67 31.43 -7.30 29.76
CA ARG B 67 32.83 -7.31 29.33
C ARG B 67 33.17 -6.10 28.46
N PHE B 68 32.25 -5.71 27.57
CA PHE B 68 32.45 -4.61 26.63
C PHE B 68 31.62 -3.41 27.03
N THR B 69 32.07 -2.19 26.69
CA THR B 69 31.37 -0.95 26.95
C THR B 69 31.47 -0.07 25.73
N ILE B 70 30.33 0.33 25.19
CA ILE B 70 30.20 1.24 24.07
C ILE B 70 30.09 2.68 24.63
N SER B 71 30.72 3.63 23.94
CA SER B 71 30.67 5.03 24.33
C SER B 71 30.82 5.89 23.07
N ARG B 72 30.56 7.19 23.16
CA ARG B 72 30.72 8.07 22.02
C ARG B 72 31.07 9.44 22.51
N ASP B 73 31.87 10.19 21.72
CA ASP B 73 32.23 11.58 22.01
C ASP B 73 31.73 12.34 20.79
N ASN B 74 30.57 12.98 20.91
CA ASN B 74 29.94 13.70 19.81
C ASN B 74 30.70 14.92 19.33
N ALA B 75 31.41 15.62 20.23
CA ALA B 75 32.21 16.80 19.89
C ALA B 75 33.39 16.38 19.00
N ARG B 76 33.92 15.17 19.23
CA ARG B 76 35.05 14.62 18.50
C ARG B 76 34.67 13.67 17.34
N ASN B 77 33.35 13.46 17.09
CA ASN B 77 32.78 12.57 16.04
C ASN B 77 33.34 11.15 16.07
N THR B 78 33.50 10.59 17.27
CA THR B 78 34.10 9.28 17.50
C THR B 78 33.25 8.39 18.38
N LEU B 79 33.18 7.11 18.01
CA LEU B 79 32.52 6.02 18.70
C LEU B 79 33.61 5.10 19.25
N TYR B 80 33.39 4.54 20.42
CA TYR B 80 34.36 3.67 21.07
C TYR B 80 33.72 2.36 21.50
N LEU B 81 34.58 1.34 21.75
CA LEU B 81 34.22 0.05 22.29
C LEU B 81 35.41 -0.41 23.14
N GLN B 82 35.20 -0.47 24.46
CA GLN B 82 36.19 -0.96 25.43
C GLN B 82 35.95 -2.45 25.52
N MET B 83 36.94 -3.24 25.12
CA MET B 83 36.87 -4.70 25.13
C MET B 83 37.78 -5.24 26.21
N ASN B 84 37.21 -5.74 27.32
CA ASN B 84 37.97 -6.32 28.45
C ASN B 84 37.63 -7.80 28.55
N SER B 85 38.42 -8.55 29.37
CA SER B 85 38.29 -10.00 29.62
C SER B 85 38.08 -10.76 28.31
N LEU B 86 38.89 -10.42 27.28
CA LEU B 86 38.80 -11.00 25.94
C LEU B 86 38.97 -12.52 25.94
N LYS B 87 38.27 -13.20 25.02
CA LYS B 87 38.31 -14.65 24.88
C LYS B 87 38.56 -15.06 23.42
N PRO B 88 39.07 -16.28 23.11
CA PRO B 88 39.28 -16.66 21.70
C PRO B 88 38.06 -16.48 20.75
N GLU B 89 36.83 -16.67 21.28
CA GLU B 89 35.55 -16.53 20.57
C GLU B 89 35.32 -15.12 20.01
N ASP B 90 36.09 -14.12 20.52
CA ASP B 90 35.99 -12.71 20.14
C ASP B 90 36.80 -12.34 18.90
N THR B 91 37.60 -13.29 18.36
CA THR B 91 38.39 -13.11 17.14
C THR B 91 37.43 -12.83 15.99
N ALA B 92 37.60 -11.67 15.35
CA ALA B 92 36.73 -11.20 14.29
C ALA B 92 37.23 -9.87 13.75
N VAL B 93 36.69 -9.49 12.59
CA VAL B 93 36.85 -8.16 12.03
C VAL B 93 35.68 -7.40 12.68
N TYR B 94 35.96 -6.28 13.34
CA TYR B 94 34.96 -5.45 13.98
C TYR B 94 34.69 -4.24 13.11
N TYR B 95 33.42 -4.01 12.83
CA TYR B 95 32.96 -2.92 12.01
C TYR B 95 32.07 -1.97 12.80
N CYS B 96 32.17 -0.72 12.43
CA CYS B 96 31.46 0.45 12.91
C CYS B 96 30.37 0.71 11.84
N THR B 97 29.09 0.76 12.23
CA THR B 97 28.07 0.89 11.20
C THR B 97 26.90 1.84 11.55
N SER B 98 26.37 2.50 10.50
CA SER B 98 25.27 3.43 10.52
C SER B 98 24.64 3.56 9.14
N ALA B 99 23.28 3.52 9.09
CA ALA B 99 22.42 3.67 7.93
C ALA B 99 22.86 2.86 6.69
N GLY B 100 23.22 1.60 6.93
CA GLY B 100 23.64 0.68 5.88
C GLY B 100 25.11 0.73 5.49
N ARG B 101 25.86 1.74 5.98
CA ARG B 101 27.27 1.93 5.66
C ARG B 101 28.17 1.40 6.76
N ARG B 102 29.30 0.81 6.39
CA ARG B 102 30.29 0.33 7.35
C ARG B 102 31.65 0.95 7.05
N GLY B 103 32.57 0.80 7.98
CA GLY B 103 33.95 1.23 7.78
C GLY B 103 34.73 0.08 7.16
N PRO B 104 36.05 0.25 6.87
CA PRO B 104 36.82 -0.88 6.31
C PRO B 104 37.07 -2.04 7.32
N GLY B 105 36.83 -1.78 8.59
CA GLY B 105 37.00 -2.77 9.66
C GLY B 105 38.33 -2.68 10.39
N THR B 106 38.44 -3.44 11.49
CA THR B 106 39.60 -3.58 12.37
C THR B 106 39.60 -5.00 12.89
N GLN B 107 40.68 -5.72 12.59
CA GLN B 107 40.87 -7.11 12.93
C GLN B 107 41.32 -7.27 14.37
N VAL B 108 40.63 -8.14 15.11
CA VAL B 108 40.93 -8.48 16.49
C VAL B 108 41.20 -9.98 16.51
N THR B 109 42.34 -10.39 17.11
CA THR B 109 42.70 -11.80 17.27
C THR B 109 43.00 -12.07 18.74
N VAL B 110 42.37 -13.11 19.32
CA VAL B 110 42.61 -13.52 20.72
C VAL B 110 43.11 -14.97 20.73
N SER B 111 44.43 -15.17 20.95
CA SER B 111 45.12 -16.47 20.94
C SER B 111 44.50 -17.54 21.85
N LEU C 4 -36.93 -0.77 -13.13
CA LEU C 4 -37.40 0.46 -12.46
C LEU C 4 -38.91 0.56 -12.37
N GLN C 5 -39.38 1.13 -11.25
CA GLN C 5 -40.81 1.32 -10.97
C GLN C 5 -40.96 2.61 -10.17
N GLU C 6 -41.52 3.66 -10.82
CA GLU C 6 -41.75 4.97 -10.22
C GLU C 6 -42.82 4.82 -9.14
N SER C 7 -42.69 5.64 -8.09
CA SER C 7 -43.65 5.70 -7.00
C SER C 7 -43.74 7.15 -6.49
N GLY C 8 -44.73 7.44 -5.65
CA GLY C 8 -44.89 8.73 -5.03
C GLY C 8 -45.80 9.74 -5.71
N GLY C 9 -46.57 9.29 -6.71
CA GLY C 9 -47.53 10.12 -7.43
C GLY C 9 -48.92 10.08 -6.82
N GLY C 10 -49.88 10.77 -7.44
CA GLY C 10 -51.25 10.80 -6.97
C GLY C 10 -51.95 12.14 -7.08
N LEU C 11 -53.10 12.29 -6.38
CA LEU C 11 -53.89 13.52 -6.36
C LEU C 11 -53.31 14.58 -5.40
N VAL C 12 -53.10 15.79 -5.92
CA VAL C 12 -52.58 16.92 -5.16
C VAL C 12 -53.36 18.15 -5.50
N GLN C 13 -53.53 19.06 -4.53
CA GLN C 13 -54.18 20.35 -4.76
C GLN C 13 -53.18 21.28 -5.46
N ALA C 14 -53.68 22.25 -6.24
CA ALA C 14 -52.81 23.22 -6.90
C ALA C 14 -52.01 23.98 -5.82
N GLY C 15 -50.69 24.04 -6.00
CA GLY C 15 -49.77 24.67 -5.07
C GLY C 15 -49.05 23.65 -4.21
N GLY C 16 -49.58 22.42 -4.21
CA GLY C 16 -49.05 21.29 -3.45
C GLY C 16 -47.73 20.73 -3.94
N SER C 17 -47.21 19.73 -3.22
CA SER C 17 -45.94 19.08 -3.51
C SER C 17 -46.08 17.57 -3.58
N LEU C 18 -45.12 16.91 -4.26
CA LEU C 18 -45.01 15.46 -4.40
C LEU C 18 -43.54 15.16 -4.56
N ARG C 19 -43.13 13.95 -4.20
CA ARG C 19 -41.78 13.47 -4.37
C ARG C 19 -41.90 12.14 -5.13
N LEU C 20 -41.37 12.09 -6.35
CA LEU C 20 -41.37 10.88 -7.15
C LEU C 20 -40.08 10.14 -6.90
N SER C 21 -40.14 8.82 -6.78
CA SER C 21 -38.95 8.01 -6.57
C SER C 21 -38.85 6.94 -7.62
N CYS C 22 -37.62 6.54 -7.94
CA CYS C 22 -37.23 5.62 -8.98
C CYS C 22 -36.06 4.75 -8.46
N ALA C 23 -36.14 3.40 -8.58
CA ALA C 23 -35.05 2.51 -8.11
C ALA C 23 -34.57 1.56 -9.21
N ALA C 24 -33.29 1.22 -9.19
CA ALA C 24 -32.66 0.32 -10.17
C ALA C 24 -33.06 -1.15 -10.02
N SER C 25 -33.14 -1.84 -11.18
CA SER C 25 -33.41 -3.29 -11.24
C SER C 25 -32.38 -3.99 -12.13
N GLY C 26 -31.98 -5.18 -11.75
CA GLY C 26 -31.01 -6.00 -12.47
C GLY C 26 -29.63 -5.39 -12.42
N PHE C 27 -28.71 -5.89 -13.30
CA PHE C 27 -27.33 -5.39 -13.39
C PHE C 27 -27.40 -3.90 -13.68
N THR C 28 -26.61 -3.13 -12.96
CA THR C 28 -26.64 -1.68 -13.14
C THR C 28 -25.26 -1.08 -12.83
N PHE C 29 -25.05 0.13 -13.32
CA PHE C 29 -23.89 0.93 -12.96
C PHE C 29 -24.48 2.00 -12.03
N SER C 30 -23.93 2.15 -10.81
CA SER C 30 -24.40 3.12 -9.82
C SER C 30 -24.20 4.55 -10.33
N ARG C 31 -24.97 5.53 -9.79
CA ARG C 31 -24.95 6.96 -10.16
C ARG C 31 -25.09 7.15 -11.69
N ALA C 32 -25.98 6.34 -12.30
CA ALA C 32 -26.20 6.33 -13.74
C ALA C 32 -26.85 7.61 -14.28
N ALA C 33 -26.58 7.94 -15.55
CA ALA C 33 -27.19 9.10 -16.18
C ALA C 33 -28.69 8.83 -16.22
N MET C 34 -29.50 9.87 -15.90
CA MET C 34 -30.92 9.65 -15.87
C MET C 34 -31.72 10.85 -16.47
N ARG C 35 -32.98 10.58 -16.80
CA ARG C 35 -33.90 11.50 -17.43
C ARG C 35 -35.32 11.29 -16.86
N TRP C 36 -36.06 12.38 -16.65
CA TRP C 36 -37.48 12.35 -16.28
C TRP C 36 -38.22 12.92 -17.50
N VAL C 37 -39.27 12.24 -17.96
CA VAL C 37 -40.11 12.68 -19.08
C VAL C 37 -41.58 12.43 -18.65
N ARG C 38 -42.50 13.31 -19.08
CA ARG C 38 -43.92 13.15 -18.73
C ARG C 38 -44.82 13.07 -19.94
N ARG C 39 -45.89 12.27 -19.87
CA ARG C 39 -46.92 12.23 -20.90
C ARG C 39 -48.16 12.91 -20.35
N ALA C 40 -48.41 14.12 -20.86
CA ALA C 40 -49.55 14.96 -20.49
C ALA C 40 -50.74 14.65 -21.38
N PRO C 41 -51.97 14.58 -20.80
CA PRO C 41 -53.17 14.40 -21.65
C PRO C 41 -53.25 15.56 -22.66
N GLU C 42 -53.54 15.25 -23.93
CA GLU C 42 -53.61 16.23 -25.03
C GLU C 42 -52.25 16.69 -25.58
N ARG C 43 -51.29 17.10 -24.74
CA ARG C 43 -49.98 17.60 -25.22
C ARG C 43 -48.96 16.51 -25.63
N GLY C 44 -49.07 15.31 -25.05
CA GLY C 44 -48.15 14.20 -25.33
C GLY C 44 -46.90 14.26 -24.48
N LEU C 45 -45.82 13.64 -24.99
CA LEU C 45 -44.50 13.50 -24.33
C LEU C 45 -43.76 14.85 -24.19
N GLU C 46 -43.26 15.15 -22.99
CA GLU C 46 -42.53 16.37 -22.67
C GLU C 46 -41.34 16.02 -21.76
N TRP C 47 -40.18 16.50 -22.11
CA TRP C 47 -38.97 16.34 -21.30
C TRP C 47 -39.11 17.14 -20.00
N VAL C 48 -38.75 16.53 -18.84
CA VAL C 48 -38.81 17.25 -17.56
C VAL C 48 -37.38 17.65 -17.06
N ALA C 49 -36.51 16.66 -16.86
CA ALA C 49 -35.15 16.86 -16.33
C ALA C 49 -34.13 15.79 -16.75
N ASN C 50 -32.83 16.14 -16.66
CA ASN C 50 -31.65 15.30 -16.93
C ASN C 50 -30.68 15.43 -15.78
N ILE C 51 -30.13 14.30 -15.31
CA ILE C 51 -29.03 14.29 -14.35
C ILE C 51 -27.95 13.46 -15.03
N ASN C 52 -26.75 14.03 -15.20
CA ASN C 52 -25.62 13.31 -15.81
C ASN C 52 -25.06 12.25 -14.86
N ALA C 53 -24.31 11.27 -15.41
CA ALA C 53 -23.73 10.18 -14.63
C ALA C 53 -22.67 10.65 -13.63
N GLY C 54 -22.45 9.87 -12.57
CA GLY C 54 -21.49 10.14 -11.51
C GLY C 54 -21.80 11.43 -10.77
N ASP C 55 -20.86 12.40 -10.84
CA ASP C 55 -21.01 13.76 -10.29
C ASP C 55 -22.03 14.48 -11.20
N GLY C 56 -23.30 14.27 -10.86
CA GLY C 56 -24.45 14.74 -11.62
C GLY C 56 -24.71 16.23 -11.69
N SER C 57 -24.64 16.75 -12.92
CA SER C 57 -25.02 18.11 -13.27
C SER C 57 -26.50 17.96 -13.72
N ALA C 58 -27.45 18.63 -13.02
CA ALA C 58 -28.89 18.55 -13.34
C ALA C 58 -29.36 19.71 -14.22
N SER C 59 -30.25 19.43 -15.19
CA SER C 59 -30.84 20.43 -16.11
C SER C 59 -32.34 20.18 -16.27
N TYR C 60 -33.12 21.27 -16.38
CA TYR C 60 -34.57 21.25 -16.39
C TYR C 60 -35.21 21.91 -17.59
N ALA C 61 -36.45 21.51 -17.88
CA ALA C 61 -37.22 22.09 -18.97
C ALA C 61 -37.67 23.48 -18.60
N ASP C 62 -37.94 24.33 -19.60
CA ASP C 62 -38.34 25.72 -19.43
C ASP C 62 -39.50 25.93 -18.45
N PHE C 63 -40.47 25.00 -18.43
CA PHE C 63 -41.67 25.06 -17.57
C PHE C 63 -41.42 24.72 -16.09
N VAL C 64 -40.25 24.14 -15.73
CA VAL C 64 -40.11 23.72 -14.32
C VAL C 64 -39.88 24.96 -13.44
N LYS C 65 -39.22 26.00 -13.98
CA LYS C 65 -39.02 27.31 -13.34
C LYS C 65 -38.55 27.25 -11.86
N GLY C 66 -37.53 26.44 -11.60
CA GLY C 66 -36.92 26.30 -10.28
C GLY C 66 -37.73 25.58 -9.21
N ARG C 67 -38.87 24.96 -9.60
CA ARG C 67 -39.79 24.25 -8.71
C ARG C 67 -39.38 22.83 -8.43
N PHE C 68 -38.64 22.17 -9.36
CA PHE C 68 -38.27 20.76 -9.22
C PHE C 68 -36.80 20.56 -8.89
N THR C 69 -36.51 19.51 -8.10
CA THR C 69 -35.14 19.16 -7.70
C THR C 69 -34.94 17.68 -7.90
N ALA C 70 -34.27 17.31 -9.00
CA ALA C 70 -33.92 15.93 -9.34
C ALA C 70 -32.67 15.55 -8.56
N SER C 71 -32.69 14.44 -7.79
CA SER C 71 -31.56 14.01 -6.94
C SER C 71 -31.38 12.46 -6.82
N ARG C 72 -30.35 12.00 -6.06
CA ARG C 72 -30.06 10.58 -5.89
C ARG C 72 -29.76 10.19 -4.45
N ASP C 73 -29.84 8.88 -4.10
CA ASP C 73 -29.57 8.33 -2.77
C ASP C 73 -28.04 8.17 -2.53
N LYS C 74 -27.63 7.84 -1.28
CA LYS C 74 -26.21 7.66 -0.94
C LYS C 74 -25.53 6.51 -1.69
N ALA C 75 -26.23 5.35 -1.85
CA ALA C 75 -25.74 4.16 -2.57
C ALA C 75 -25.59 4.39 -4.10
N GLY C 76 -26.44 5.24 -4.66
CA GLY C 76 -26.44 5.56 -6.09
C GLY C 76 -27.29 4.66 -6.96
N ASN C 77 -28.25 3.93 -6.36
CA ASN C 77 -29.16 3.00 -7.04
C ASN C 77 -30.66 3.46 -7.01
N ARG C 78 -30.95 4.60 -6.29
CA ARG C 78 -32.28 5.24 -6.16
C ARG C 78 -32.25 6.72 -6.59
N LEU C 79 -33.37 7.22 -7.16
CA LEU C 79 -33.53 8.57 -7.70
C LEU C 79 -34.83 9.23 -7.25
N TYR C 80 -34.79 10.53 -7.00
CA TYR C 80 -35.94 11.31 -6.53
C TYR C 80 -36.15 12.55 -7.36
N LEU C 81 -37.42 12.93 -7.55
CA LEU C 81 -37.79 14.17 -8.20
C LEU C 81 -38.78 14.82 -7.28
N GLN C 82 -38.32 15.87 -6.59
CA GLN C 82 -39.12 16.68 -5.68
C GLN C 82 -39.80 17.79 -6.50
N MET C 83 -41.13 17.80 -6.54
CA MET C 83 -41.92 18.77 -7.29
C MET C 83 -42.71 19.66 -6.35
N ASP C 84 -42.36 20.95 -6.28
CA ASP C 84 -43.01 21.96 -5.43
C ASP C 84 -43.88 22.86 -6.31
N ASN C 85 -44.91 23.51 -5.70
CA ASN C 85 -45.85 24.43 -6.33
C ASN C 85 -46.43 23.87 -7.66
N LEU C 86 -47.07 22.70 -7.55
CA LEU C 86 -47.70 22.00 -8.68
C LEU C 86 -48.92 22.73 -9.23
N ARG C 87 -49.09 22.69 -10.54
CA ARG C 87 -50.14 23.41 -11.25
C ARG C 87 -51.00 22.43 -12.03
N PRO C 88 -52.28 22.75 -12.35
CA PRO C 88 -53.09 21.79 -13.14
C PRO C 88 -52.43 21.29 -14.44
N ASN C 89 -51.62 22.13 -15.12
CA ASN C 89 -50.88 21.76 -16.34
C ASN C 89 -49.76 20.74 -16.09
N ASP C 90 -49.42 20.47 -14.81
CA ASP C 90 -48.42 19.47 -14.44
C ASP C 90 -49.05 18.07 -14.34
N THR C 91 -50.37 17.95 -14.59
CA THR C 91 -51.06 16.66 -14.62
C THR C 91 -50.48 15.85 -15.78
N ALA C 92 -49.96 14.65 -15.47
CA ALA C 92 -49.35 13.77 -16.47
C ALA C 92 -48.94 12.44 -15.82
N VAL C 93 -48.47 11.51 -16.68
CA VAL C 93 -47.87 10.25 -16.29
C VAL C 93 -46.36 10.53 -16.38
N TYR C 94 -45.62 10.38 -15.25
CA TYR C 94 -44.17 10.66 -15.17
C TYR C 94 -43.37 9.41 -15.25
N TYR C 95 -42.36 9.42 -16.09
CA TYR C 95 -41.46 8.31 -16.32
C TYR C 95 -40.04 8.67 -15.94
N CYS C 96 -39.33 7.73 -15.30
CA CYS C 96 -37.91 7.87 -15.07
C CYS C 96 -37.20 6.93 -16.03
N ILE C 97 -36.12 7.43 -16.59
CA ILE C 97 -35.30 6.70 -17.52
C ILE C 97 -33.94 6.71 -16.86
N TYR C 98 -33.43 5.52 -16.57
CA TYR C 98 -32.16 5.26 -15.88
C TYR C 98 -31.32 4.31 -16.80
N ASN C 99 -30.11 4.75 -17.19
CA ASN C 99 -29.13 4.06 -18.08
C ASN C 99 -29.63 2.76 -18.82
N GLY C 100 -30.44 2.95 -19.87
CA GLY C 100 -30.92 1.84 -20.70
C GLY C 100 -32.30 1.29 -20.37
N HIS C 101 -32.88 1.73 -19.27
CA HIS C 101 -34.16 1.23 -18.83
C HIS C 101 -35.15 2.34 -18.52
N ARG C 102 -36.41 1.98 -18.49
CA ARG C 102 -37.54 2.86 -18.27
C ARG C 102 -38.53 2.19 -17.34
N GLY C 103 -39.21 2.99 -16.51
CA GLY C 103 -40.25 2.52 -15.61
C GLY C 103 -41.58 2.48 -16.33
N GLN C 104 -42.64 2.06 -15.63
CA GLN C 104 -44.01 1.96 -16.20
C GLN C 104 -44.82 3.26 -16.11
N GLY C 105 -44.33 4.21 -15.32
CA GLY C 105 -44.98 5.50 -15.13
C GLY C 105 -45.77 5.60 -13.84
N THR C 106 -45.87 6.84 -13.33
CA THR C 106 -46.65 7.22 -12.14
C THR C 106 -47.55 8.40 -12.52
N GLN C 107 -48.86 8.26 -12.28
CA GLN C 107 -49.86 9.27 -12.54
C GLN C 107 -49.81 10.37 -11.45
N VAL C 108 -49.72 11.62 -11.88
CA VAL C 108 -49.70 12.81 -11.04
C VAL C 108 -50.87 13.69 -11.51
N THR C 109 -51.89 13.89 -10.64
CA THR C 109 -53.10 14.68 -10.93
C THR C 109 -53.15 15.90 -10.02
N VAL C 110 -53.13 17.11 -10.63
CA VAL C 110 -53.20 18.37 -9.90
C VAL C 110 -54.59 18.98 -10.11
N SER C 111 -55.37 19.15 -9.02
CA SER C 111 -56.75 19.65 -9.11
C SER C 111 -56.86 21.15 -9.31
N SER C 112 -57.75 21.54 -10.23
CA SER C 112 -58.09 22.93 -10.56
C SER C 112 -59.05 23.45 -9.50
N HIS C 113 -59.98 22.57 -9.05
CA HIS C 113 -61.01 22.85 -8.05
C HIS C 113 -60.46 23.02 -6.64
N HIS C 114 -59.60 22.07 -6.20
CA HIS C 114 -59.03 22.06 -4.85
C HIS C 114 -57.55 22.43 -4.89
#